data_4J5A
#
_entry.id   4J5A
#
_cell.length_a   57.090
_cell.length_b   57.090
_cell.length_c   88.070
_cell.angle_alpha   90.00
_cell.angle_beta   90.00
_cell.angle_gamma   90.00
#
_symmetry.space_group_name_H-M   'P 41 21 2'
#
loop_
_entity.id
_entity.type
_entity.pdbx_description
1 polymer 'Peptidyl-prolyl cis-trans isomerase F, mitochondrial'
2 non-polymer 1-(4-aminobenzyl)-3-{2-[(2R)-2-(2,5-dimethoxyphenyl)pyrrolidin-1-yl]-2-oxoethyl}urea
3 non-polymer 'DIMETHYL SULFOXIDE'
4 water water
#
_entity_poly.entity_id   1
_entity_poly.type   'polypeptide(L)'
_entity_poly.pdbx_seq_one_letter_code
;GNPLVYLDVDANGKPLGRVVLELKADVVPKTAENFRALCTGEKGFGYKGSTFHRVIPSFMCQAGDFTNHNGTGGKSIYGS
RFPDENFTLKHVGPGVLSMANAGPNTNGSQFFICTIKTDWLDGKHVVFGHVIEGMDVVKKIESFGSKSGRTSKKIVITDC
GQLS
;
_entity_poly.pdbx_strand_id   X
#
loop_
_chem_comp.id
_chem_comp.type
_chem_comp.name
_chem_comp.formula
67Z non-polymer 1-(4-aminobenzyl)-3-{2-[(2R)-2-(2,5-dimethoxyphenyl)pyrrolidin-1-yl]-2-oxoethyl}urea 'C22 H28 N4 O4'
DMS non-polymer 'DIMETHYL SULFOXIDE' 'C2 H6 O S'
#
# COMPACT_ATOMS: atom_id res chain seq x y z
N GLY A 1 9.39 -7.95 17.11
CA GLY A 1 9.67 -8.36 15.75
C GLY A 1 8.71 -7.70 14.78
N ASN A 2 9.26 -7.01 13.79
CA ASN A 2 8.45 -6.35 12.76
C ASN A 2 7.57 -7.33 12.02
N PRO A 3 6.28 -7.01 11.90
CA PRO A 3 5.36 -7.91 11.19
C PRO A 3 5.76 -8.14 9.74
N LEU A 4 5.53 -9.35 9.25
CA LEU A 4 5.55 -9.63 7.83
C LEU A 4 4.11 -9.87 7.42
N VAL A 5 3.67 -9.16 6.39
CA VAL A 5 2.32 -9.34 5.88
C VAL A 5 2.37 -9.63 4.38
N TYR A 6 1.25 -10.07 3.81
CA TYR A 6 1.23 -10.39 2.38
C TYR A 6 0.00 -9.83 1.69
N LEU A 7 0.16 -9.55 0.40
CA LEU A 7 -0.95 -9.22 -0.49
C LEU A 7 -0.87 -10.18 -1.66
N ASP A 8 -1.93 -10.93 -1.90
CA ASP A 8 -2.05 -11.74 -3.11
C ASP A 8 -2.84 -10.92 -4.11
N VAL A 9 -2.28 -10.74 -5.31
CA VAL A 9 -2.86 -9.79 -6.25
C VAL A 9 -3.24 -10.43 -7.58
N ASP A 10 -4.43 -10.08 -8.07
CA ASP A 10 -4.98 -10.51 -9.36
CA ASP A 10 -4.79 -10.53 -9.40
C ASP A 10 -4.96 -9.37 -10.37
N ALA A 11 -4.89 -9.69 -11.65
CA ALA A 11 -5.16 -8.71 -12.71
C ALA A 11 -6.20 -9.33 -13.62
N ASN A 12 -7.37 -8.69 -13.72
CA ASN A 12 -8.50 -9.25 -14.45
C ASN A 12 -8.78 -10.70 -14.06
N GLY A 13 -8.69 -11.01 -12.77
CA GLY A 13 -9.00 -12.33 -12.28
C GLY A 13 -7.91 -13.38 -12.45
N LYS A 14 -6.75 -12.97 -12.95
CA LYS A 14 -5.62 -13.88 -13.11
C LYS A 14 -4.60 -13.59 -12.03
N PRO A 15 -4.18 -14.62 -11.26
CA PRO A 15 -3.24 -14.34 -10.17
C PRO A 15 -1.87 -13.89 -10.66
N LEU A 16 -1.35 -12.81 -10.08
CA LEU A 16 -0.03 -12.31 -10.40
C LEU A 16 1.02 -12.85 -9.45
N GLY A 17 0.58 -13.25 -8.27
CA GLY A 17 1.50 -13.72 -7.24
C GLY A 17 1.35 -12.94 -5.94
N ARG A 18 2.37 -13.03 -5.10
CA ARG A 18 2.30 -12.51 -3.73
C ARG A 18 3.34 -11.43 -3.49
N VAL A 19 2.90 -10.33 -2.87
CA VAL A 19 3.82 -9.30 -2.39
C VAL A 19 3.93 -9.44 -0.88
N VAL A 20 5.15 -9.65 -0.39
CA VAL A 20 5.39 -9.74 1.05
C VAL A 20 6.03 -8.44 1.53
N LEU A 21 5.50 -7.90 2.61
CA LEU A 21 5.94 -6.60 3.12
C LEU A 21 6.39 -6.71 4.57
N GLU A 22 7.52 -6.10 4.88
CA GLU A 22 7.94 -5.93 6.25
C GLU A 22 7.40 -4.59 6.74
N LEU A 23 6.74 -4.60 7.89
CA LEU A 23 6.21 -3.37 8.48
C LEU A 23 7.15 -2.91 9.60
N LYS A 24 7.68 -1.70 9.47
CA LYS A 24 8.70 -1.22 10.41
C LYS A 24 8.08 -0.71 11.72
N ALA A 25 7.52 -1.64 12.48
CA ALA A 25 6.91 -1.35 13.77
C ALA A 25 7.92 -0.78 14.76
N ASP A 26 9.20 -1.04 14.50
CA ASP A 26 10.27 -0.53 15.36
C ASP A 26 10.46 0.99 15.22
N VAL A 27 9.97 1.55 14.11
CA VAL A 27 10.15 2.96 13.80
C VAL A 27 8.81 3.68 13.84
N VAL A 28 7.79 3.03 13.29
CA VAL A 28 6.45 3.60 13.21
C VAL A 28 5.40 2.58 13.65
N PRO A 29 5.34 2.31 14.96
CA PRO A 29 4.44 1.27 15.48
C PRO A 29 2.96 1.51 15.18
N LYS A 30 2.50 2.76 15.25
CA LYS A 30 1.09 3.03 15.07
C LYS A 30 0.69 2.82 13.62
N THR A 31 1.57 3.23 12.71
CA THR A 31 1.31 3.11 11.28
C THR A 31 1.43 1.65 10.86
N ALA A 32 2.42 0.95 11.40
CA ALA A 32 2.58 -0.48 11.11
C ALA A 32 1.38 -1.27 11.59
N GLU A 33 0.93 -0.99 12.82
CA GLU A 33 -0.19 -1.71 13.41
C GLU A 33 -1.47 -1.55 12.58
N ASN A 34 -1.72 -0.33 12.14
CA ASN A 34 -2.85 -0.07 11.26
C ASN A 34 -2.83 -0.95 10.00
N PHE A 35 -1.71 -0.95 9.30
CA PHE A 35 -1.59 -1.75 8.09
C PHE A 35 -1.72 -3.24 8.38
N ARG A 36 -1.06 -3.69 9.46
CA ARG A 36 -1.12 -5.09 9.84
C ARG A 36 -2.56 -5.55 10.04
N ALA A 37 -3.31 -4.81 10.85
CA ALA A 37 -4.70 -5.19 11.14
C ALA A 37 -5.61 -5.12 9.92
N LEU A 38 -5.33 -4.17 9.02
CA LEU A 38 -6.11 -4.07 7.79
C LEU A 38 -5.83 -5.26 6.87
N CYS A 39 -4.64 -5.84 6.97
CA CYS A 39 -4.30 -7.04 6.21
C CYS A 39 -5.02 -8.28 6.75
N THR A 40 -5.05 -8.44 8.07
CA THR A 40 -5.72 -9.58 8.67
C THR A 40 -7.24 -9.44 8.59
N GLY A 41 -7.70 -8.20 8.55
CA GLY A 41 -9.13 -7.93 8.57
C GLY A 41 -9.77 -8.14 9.93
N GLU A 42 -8.95 -8.22 10.97
CA GLU A 42 -9.43 -8.61 12.30
C GLU A 42 -10.39 -7.62 12.96
N LYS A 43 -10.43 -6.38 12.47
CA LYS A 43 -11.38 -5.39 13.01
C LYS A 43 -12.73 -5.46 12.31
N GLY A 44 -12.84 -6.29 11.27
CA GLY A 44 -14.09 -6.45 10.55
C GLY A 44 -14.09 -5.73 9.22
N PHE A 45 -12.95 -5.14 8.86
CA PHE A 45 -12.80 -4.48 7.57
C PHE A 45 -11.31 -4.48 7.21
N GLY A 46 -11.00 -4.17 5.96
CA GLY A 46 -9.61 -4.16 5.54
C GLY A 46 -9.41 -4.30 4.05
N TYR A 47 -8.21 -4.70 3.66
CA TYR A 47 -7.78 -4.64 2.27
C TYR A 47 -8.33 -5.75 1.37
N LYS A 48 -8.79 -6.85 1.95
CA LYS A 48 -9.24 -7.96 1.14
C LYS A 48 -10.34 -7.53 0.18
N GLY A 49 -10.10 -7.70 -1.11
CA GLY A 49 -11.09 -7.42 -2.14
C GLY A 49 -10.98 -6.04 -2.76
N SER A 50 -10.12 -5.19 -2.21
CA SER A 50 -9.96 -3.83 -2.72
C SER A 50 -8.91 -3.77 -3.83
N THR A 51 -8.76 -2.61 -4.45
CA THR A 51 -7.99 -2.53 -5.69
C THR A 51 -6.78 -1.62 -5.63
N PHE A 52 -5.87 -1.81 -6.58
CA PHE A 52 -4.88 -0.78 -6.91
C PHE A 52 -5.55 0.16 -7.91
N HIS A 53 -5.96 1.34 -7.43
CA HIS A 53 -6.77 2.25 -8.24
C HIS A 53 -5.96 3.27 -9.05
N ARG A 54 -4.73 3.54 -8.60
CA ARG A 54 -3.85 4.46 -9.31
C ARG A 54 -2.47 3.84 -9.45
N VAL A 55 -2.05 3.61 -10.68
CA VAL A 55 -0.75 3.01 -10.95
C VAL A 55 -0.03 3.81 -12.03
N ILE A 56 1.15 4.32 -11.71
CA ILE A 56 1.89 5.19 -12.61
C ILE A 56 3.28 4.62 -12.83
N PRO A 57 3.57 4.15 -14.06
CA PRO A 57 4.88 3.57 -14.35
C PRO A 57 6.02 4.53 -14.02
N SER A 58 7.11 3.96 -13.51
CA SER A 58 8.28 4.73 -13.07
CA SER A 58 8.28 4.73 -13.07
C SER A 58 7.93 5.71 -11.95
N PHE A 59 6.93 5.33 -11.14
CA PHE A 59 6.56 6.13 -9.97
C PHE A 59 6.13 5.17 -8.84
N MET A 60 4.87 4.73 -8.88
CA MET A 60 4.34 3.92 -7.78
C MET A 60 3.01 3.24 -8.10
N CYS A 61 2.65 2.28 -7.26
CA CYS A 61 1.35 1.61 -7.32
C CYS A 61 0.57 1.91 -6.04
N GLN A 62 -0.61 2.51 -6.19
CA GLN A 62 -1.40 2.96 -5.04
C GLN A 62 -2.67 2.14 -4.85
N ALA A 63 -2.99 1.81 -3.60
CA ALA A 63 -4.15 0.99 -3.29
C ALA A 63 -4.75 1.36 -1.94
N GLY A 64 -5.76 0.61 -1.51
CA GLY A 64 -6.21 0.67 -0.14
C GLY A 64 -7.54 1.34 0.14
N ASP A 65 -8.23 1.79 -0.91
CA ASP A 65 -9.54 2.42 -0.73
C ASP A 65 -10.64 1.35 -0.71
N PHE A 66 -10.86 0.74 0.46
CA PHE A 66 -11.86 -0.32 0.57
C PHE A 66 -13.26 0.18 0.92
N THR A 67 -13.42 1.50 1.05
CA THR A 67 -14.75 2.05 1.33
C THR A 67 -15.43 2.62 0.08
N ASN A 68 -14.72 3.43 -0.69
CA ASN A 68 -15.31 4.05 -1.87
C ASN A 68 -14.81 3.46 -3.18
N HIS A 69 -13.74 2.66 -3.09
CA HIS A 69 -13.14 2.00 -4.24
C HIS A 69 -12.92 2.93 -5.43
N ASN A 70 -12.33 4.11 -5.18
CA ASN A 70 -12.00 5.03 -6.27
C ASN A 70 -10.90 6.04 -5.94
N GLY A 71 -10.33 5.95 -4.75
CA GLY A 71 -9.23 6.82 -4.37
C GLY A 71 -9.62 7.95 -3.43
N THR A 72 -10.89 8.04 -3.08
CA THR A 72 -11.34 9.11 -2.19
C THR A 72 -11.52 8.61 -0.76
N GLY A 73 -11.51 7.29 -0.56
CA GLY A 73 -11.94 6.75 0.72
C GLY A 73 -10.92 5.94 1.50
N GLY A 74 -11.43 4.99 2.25
CA GLY A 74 -10.61 4.22 3.18
C GLY A 74 -10.76 4.76 4.59
N LYS A 75 -10.33 3.98 5.57
CA LYS A 75 -10.33 4.41 6.96
C LYS A 75 -9.29 3.61 7.73
N SER A 76 -8.86 4.14 8.87
CA SER A 76 -7.88 3.45 9.70
C SER A 76 -8.58 2.63 10.77
N ILE A 77 -7.81 1.81 11.49
CA ILE A 77 -8.37 1.06 12.60
C ILE A 77 -8.66 1.94 13.81
N TYR A 78 -8.15 3.18 13.79
CA TYR A 78 -8.30 4.09 14.91
C TYR A 78 -9.49 5.03 14.75
N GLY A 79 -9.96 5.17 13.52
CA GLY A 79 -10.93 6.20 13.16
C GLY A 79 -10.70 6.55 11.71
N SER A 80 -11.37 7.60 11.22
N SER A 80 -11.37 7.60 11.23
CA SER A 80 -11.27 7.91 9.80
CA SER A 80 -11.28 7.98 9.82
C SER A 80 -9.85 8.27 9.38
N ARG A 81 -9.16 9.08 10.20
CA ARG A 81 -7.79 9.50 9.88
C ARG A 81 -6.92 9.48 11.13
N PHE A 82 -5.60 9.39 10.94
CA PHE A 82 -4.68 9.46 12.06
C PHE A 82 -3.41 10.25 11.70
N PRO A 83 -2.70 10.77 12.73
CA PRO A 83 -1.57 11.67 12.45
C PRO A 83 -0.39 11.04 11.72
N ASP A 84 0.41 11.88 11.08
CA ASP A 84 1.73 11.48 10.59
C ASP A 84 2.59 11.15 11.79
N GLU A 85 3.03 9.89 11.88
CA GLU A 85 3.71 9.40 13.07
C GLU A 85 5.12 10.00 13.19
N ASN A 86 5.88 9.88 12.11
CA ASN A 86 7.15 10.59 11.96
C ASN A 86 7.59 10.45 10.51
N PHE A 87 8.66 11.15 10.14
CA PHE A 87 9.21 11.04 8.79
C PHE A 87 10.64 10.50 8.84
N THR A 88 10.88 9.57 9.75
CA THR A 88 12.23 9.05 9.98
C THR A 88 12.73 8.20 8.81
N LEU A 89 11.88 7.31 8.30
CA LEU A 89 12.22 6.52 7.12
C LEU A 89 12.01 7.33 5.84
N LYS A 90 12.92 7.17 4.88
CA LYS A 90 12.86 7.93 3.64
C LYS A 90 12.44 7.06 2.44
N HIS A 91 12.03 7.74 1.37
CA HIS A 91 11.64 7.04 0.14
C HIS A 91 12.90 6.78 -0.66
N VAL A 92 13.63 5.73 -0.27
CA VAL A 92 14.99 5.52 -0.77
C VAL A 92 15.10 4.83 -2.12
N GLY A 93 14.06 4.12 -2.55
CA GLY A 93 14.10 3.42 -3.81
C GLY A 93 12.89 2.54 -4.05
N PRO A 94 12.93 1.73 -5.12
CA PRO A 94 11.85 0.79 -5.42
C PRO A 94 11.60 -0.13 -4.22
N GLY A 95 10.33 -0.44 -3.97
CA GLY A 95 9.99 -1.37 -2.91
C GLY A 95 9.53 -0.69 -1.63
N VAL A 96 9.72 0.62 -1.55
CA VAL A 96 9.32 1.37 -0.36
C VAL A 96 7.80 1.41 -0.22
N LEU A 97 7.31 1.10 0.99
CA LEU A 97 5.89 1.12 1.32
C LEU A 97 5.59 2.37 2.16
N SER A 98 4.60 3.15 1.73
CA SER A 98 4.38 4.48 2.31
C SER A 98 2.89 4.82 2.31
N MET A 99 2.46 5.69 3.23
CA MET A 99 1.06 6.07 3.31
C MET A 99 0.70 7.17 2.31
N ALA A 100 -0.39 6.96 1.56
CA ALA A 100 -0.97 8.01 0.75
C ALA A 100 -1.68 8.97 1.70
N ASN A 101 -1.91 10.21 1.27
CA ASN A 101 -2.65 11.14 2.09
C ASN A 101 -3.24 12.30 1.30
N ALA A 102 -4.00 13.14 2.00
CA ALA A 102 -4.59 14.33 1.39
C ALA A 102 -4.09 15.55 2.13
N GLY A 103 -2.83 15.52 2.52
CA GLY A 103 -2.22 16.60 3.26
C GLY A 103 -1.76 16.11 4.62
N PRO A 104 -1.20 17.00 5.43
CA PRO A 104 -0.68 16.57 6.74
C PRO A 104 -1.76 15.90 7.62
N ASN A 105 -1.35 14.82 8.29
CA ASN A 105 -2.20 14.17 9.29
C ASN A 105 -3.54 13.68 8.74
N THR A 106 -3.50 13.04 7.57
CA THR A 106 -4.71 12.51 6.97
C THR A 106 -4.52 11.05 6.54
N ASN A 107 -3.69 10.33 7.27
CA ASN A 107 -3.53 8.90 7.01
C ASN A 107 -4.81 8.13 7.27
N GLY A 108 -5.16 7.25 6.33
CA GLY A 108 -6.33 6.42 6.49
C GLY A 108 -5.93 4.97 6.30
N SER A 109 -6.26 4.44 5.12
CA SER A 109 -5.84 3.09 4.75
C SER A 109 -5.08 3.07 3.42
N GLN A 110 -5.22 4.14 2.62
CA GLN A 110 -4.55 4.16 1.32
C GLN A 110 -3.03 4.19 1.46
N PHE A 111 -2.37 3.41 0.60
CA PHE A 111 -0.93 3.26 0.65
C PHE A 111 -0.37 3.12 -0.76
N PHE A 112 0.94 3.24 -0.88
CA PHE A 112 1.57 2.99 -2.17
C PHE A 112 2.88 2.25 -2.02
N ILE A 113 3.23 1.52 -3.07
CA ILE A 113 4.52 0.86 -3.17
C ILE A 113 5.28 1.56 -4.30
N CYS A 114 6.48 2.06 -3.99
CA CYS A 114 7.27 2.79 -4.97
C CYS A 114 7.96 1.85 -5.96
N THR A 115 8.09 2.31 -7.19
CA THR A 115 8.87 1.57 -8.17
C THR A 115 10.15 2.32 -8.57
N ILE A 116 10.37 3.47 -7.93
CA ILE A 116 11.59 4.26 -8.08
C ILE A 116 11.84 4.96 -6.75
N LYS A 117 13.00 5.60 -6.62
CA LYS A 117 13.25 6.49 -5.50
C LYS A 117 12.35 7.72 -5.64
N THR A 118 11.47 7.95 -4.66
CA THR A 118 10.59 9.12 -4.72
C THR A 118 10.94 10.12 -3.62
N ASP A 119 12.11 10.72 -3.72
CA ASP A 119 12.64 11.54 -2.64
C ASP A 119 11.81 12.80 -2.35
N TRP A 120 11.08 13.27 -3.34
CA TRP A 120 10.25 14.47 -3.17
C TRP A 120 9.07 14.24 -2.22
N LEU A 121 8.84 12.99 -1.84
CA LEU A 121 7.77 12.66 -0.90
C LEU A 121 8.28 12.60 0.54
N ASP A 122 9.60 12.69 0.73
CA ASP A 122 10.17 12.68 2.06
C ASP A 122 9.65 13.86 2.86
N GLY A 123 9.20 13.60 4.09
CA GLY A 123 8.66 14.65 4.94
C GLY A 123 7.21 14.99 4.66
N LYS A 124 6.60 14.32 3.69
CA LYS A 124 5.20 14.53 3.35
C LYS A 124 4.39 13.26 3.51
N HIS A 125 5.00 12.12 3.19
CA HIS A 125 4.35 10.83 3.33
C HIS A 125 5.12 9.95 4.29
N VAL A 126 4.40 9.27 5.18
CA VAL A 126 5.02 8.41 6.19
C VAL A 126 5.39 7.06 5.61
N VAL A 127 6.70 6.81 5.51
CA VAL A 127 7.22 5.52 5.09
C VAL A 127 7.11 4.56 6.27
N PHE A 128 6.64 3.34 6.03
CA PHE A 128 6.45 2.41 7.13
C PHE A 128 6.82 0.97 6.82
N GLY A 129 7.44 0.74 5.67
CA GLY A 129 7.86 -0.62 5.36
C GLY A 129 8.50 -0.77 4.00
N HIS A 130 8.73 -2.01 3.59
CA HIS A 130 9.30 -2.27 2.27
C HIS A 130 9.00 -3.69 1.80
N VAL A 131 9.12 -3.89 0.49
CA VAL A 131 8.90 -5.20 -0.12
C VAL A 131 10.03 -6.17 0.22
N ILE A 132 9.66 -7.30 0.80
CA ILE A 132 10.59 -8.37 1.17
C ILE A 132 10.73 -9.35 0.02
N GLU A 133 9.62 -9.59 -0.65
CA GLU A 133 9.53 -10.57 -1.72
C GLU A 133 8.41 -10.13 -2.66
N GLY A 134 8.60 -10.34 -3.97
CA GLY A 134 7.54 -10.05 -4.91
C GLY A 134 7.65 -8.75 -5.68
N MET A 135 8.85 -8.19 -5.79
CA MET A 135 9.03 -7.04 -6.67
C MET A 135 8.60 -7.37 -8.11
N ASP A 136 8.72 -8.64 -8.50
CA ASP A 136 8.27 -9.05 -9.82
C ASP A 136 6.77 -8.83 -9.98
N VAL A 137 6.03 -9.07 -8.90
CA VAL A 137 4.59 -8.83 -8.92
C VAL A 137 4.30 -7.33 -8.99
N VAL A 138 5.04 -6.55 -8.20
CA VAL A 138 4.92 -5.10 -8.24
C VAL A 138 5.20 -4.55 -9.64
N LYS A 139 6.21 -5.10 -10.32
CA LYS A 139 6.53 -4.65 -11.68
C LYS A 139 5.42 -5.01 -12.66
N LYS A 140 4.76 -6.15 -12.43
CA LYS A 140 3.61 -6.53 -13.24
CA LYS A 140 3.60 -6.54 -13.23
C LYS A 140 2.46 -5.54 -13.04
N ILE A 141 2.17 -5.22 -11.79
CA ILE A 141 1.14 -4.23 -11.48
C ILE A 141 1.49 -2.92 -12.17
N GLU A 142 2.74 -2.49 -12.01
CA GLU A 142 3.22 -1.25 -12.62
C GLU A 142 3.01 -1.23 -14.13
N SER A 143 3.16 -2.39 -14.77
CA SER A 143 3.07 -2.47 -16.21
C SER A 143 1.63 -2.26 -16.71
N PHE A 144 0.67 -2.36 -15.78
CA PHE A 144 -0.73 -2.16 -16.13
C PHE A 144 -1.23 -0.76 -15.76
N GLY A 145 -0.30 0.13 -15.46
CA GLY A 145 -0.65 1.51 -15.17
C GLY A 145 -0.57 2.40 -16.41
N SER A 146 -0.61 3.70 -16.19
CA SER A 146 -0.48 4.68 -17.27
C SER A 146 -0.05 6.01 -16.68
N LYS A 147 0.26 6.97 -17.55
CA LYS A 147 0.72 8.28 -17.10
C LYS A 147 -0.30 8.96 -16.18
N SER A 148 -1.58 8.76 -16.49
CA SER A 148 -2.64 9.38 -15.71
C SER A 148 -2.96 8.62 -14.43
N GLY A 149 -2.40 7.42 -14.31
CA GLY A 149 -2.66 6.59 -13.14
C GLY A 149 -3.78 5.58 -13.35
N ARG A 150 -4.56 5.78 -14.41
CA ARG A 150 -5.63 4.85 -14.76
C ARG A 150 -5.07 3.47 -15.12
N THR A 151 -5.67 2.41 -14.59
CA THR A 151 -5.18 1.05 -14.86
C THR A 151 -5.86 0.42 -16.07
N SER A 152 -5.12 -0.40 -16.79
CA SER A 152 -5.62 -1.03 -18.01
C SER A 152 -6.23 -2.40 -17.73
N LYS A 153 -5.99 -2.91 -16.52
CA LYS A 153 -6.60 -4.15 -16.04
C LYS A 153 -7.13 -3.89 -14.63
N LYS A 154 -8.13 -4.66 -14.20
CA LYS A 154 -8.60 -4.52 -12.82
C LYS A 154 -7.67 -5.26 -11.86
N ILE A 155 -6.98 -4.49 -11.03
CA ILE A 155 -5.98 -5.06 -10.14
CA ILE A 155 -5.97 -5.04 -10.13
C ILE A 155 -6.53 -5.17 -8.72
N VAL A 156 -6.76 -6.41 -8.29
CA VAL A 156 -7.41 -6.67 -7.00
C VAL A 156 -6.52 -7.42 -6.01
N ILE A 157 -6.55 -6.98 -4.76
CA ILE A 157 -5.96 -7.73 -3.66
C ILE A 157 -6.95 -8.83 -3.26
N THR A 158 -6.75 -10.04 -3.76
CA THR A 158 -7.75 -11.09 -3.52
C THR A 158 -7.71 -11.61 -2.10
N ASP A 159 -6.51 -11.65 -1.54
CA ASP A 159 -6.29 -12.15 -0.19
C ASP A 159 -5.13 -11.39 0.41
N CYS A 160 -5.12 -11.30 1.73
CA CYS A 160 -4.05 -10.64 2.45
C CYS A 160 -4.08 -11.11 3.88
N GLY A 161 -2.99 -10.90 4.60
CA GLY A 161 -2.91 -11.38 5.96
C GLY A 161 -1.53 -11.23 6.55
N GLN A 162 -1.31 -11.88 7.69
CA GLN A 162 -0.03 -11.76 8.39
C GLN A 162 0.71 -13.09 8.39
N LEU A 163 1.99 -13.05 8.03
CA LEU A 163 2.84 -14.23 8.02
C LEU A 163 3.56 -14.46 9.35
N SER A 164 3.91 -13.36 10.01
CA SER A 164 4.60 -13.41 11.30
C SER A 164 4.61 -12.04 11.95
CAB 67Z B . -0.38 11.55 -8.70
OAU 67Z B . 0.15 10.85 -7.56
CBA 67Z B . 0.78 11.67 -6.66
CAK 67Z B . 1.43 12.81 -7.11
CAJ 67Z B . 2.05 13.65 -6.19
CAZ 67Z B . 2.04 13.32 -4.84
OAT 67Z B . 2.65 14.16 -3.95
CAA 67Z B . 3.69 14.96 -4.55
CAL 67Z B . 1.37 12.18 -4.40
CBB 67Z B . 0.78 11.30 -5.31
CBC 67Z B . -0.07 10.01 -5.04
CAP 67Z B . 0.98 8.83 -5.27
CAM 67Z B . 2.01 9.18 -4.20
CAQ 67Z B . 0.89 8.98 -3.18
NBD 67Z B . -0.12 9.94 -3.57
C 67Z B . -1.01 10.56 -2.81
O 67Z B . -1.08 10.35 -1.59
CA 67Z B . -2.06 11.39 -3.55
N 67Z B . -3.16 11.71 -2.66
CAV 67Z B . -4.26 10.98 -2.69
OAD 67Z B . -4.41 10.08 -3.51
NAS 67Z B . -5.20 11.35 -1.84
CAO 67Z B . -6.49 10.67 -1.73
CAY 67Z B . -6.59 10.18 -0.28
CAH 67Z B . -7.76 10.36 0.45
CAF 67Z B . -7.83 9.91 1.76
CAX 67Z B . -6.74 9.30 2.36
NAC 67Z B . -6.82 8.87 3.63
CAG 67Z B . -5.56 9.12 1.64
CAI 67Z B . -5.49 9.57 0.32
S DMS C . 12.38 -8.42 -4.10
O DMS C . 10.94 -8.80 -4.19
C1 DMS C . 12.59 -7.17 -2.80
C2 DMS C . 13.35 -9.76 -3.36
#